data_1QU9
#
_entry.id   1QU9
#
_cell.length_a   72.22
_cell.length_b   72.22
_cell.length_c   72.22
_cell.angle_alpha   90.00
_cell.angle_beta   90.00
_cell.angle_gamma   90.00
#
_symmetry.space_group_name_H-M   'P 2 2 2'
#
loop_
_entity.id
_entity.type
_entity.pdbx_description
1 polymer 'YJGF PROTEIN'
2 water water
#
_entity_poly.entity_id   1
_entity_poly.type   'polypeptide(L)'
_entity_poly.pdbx_seq_one_letter_code
;MSKTIATENAPAAIGPYVQGVDLGNMIITSGQIPVNPKTGEVPADVAAQARQSLDNVKAIVEAAGLKVGDIVKTTVFVKD
LNDFATVNATYEAFFTEHNATFPARS(CSP)VEVARLPKDVKIEIEAIAVRR
;
_entity_poly.pdbx_strand_id   A,B,C
#
# COMPACT_ATOMS: atom_id res chain seq x y z
N SER A 2 17.03 11.30 -4.65
CA SER A 2 16.66 9.96 -4.09
C SER A 2 17.72 8.93 -4.49
N LYS A 3 17.84 7.90 -3.65
CA LYS A 3 18.85 6.86 -3.92
C LYS A 3 18.39 5.49 -3.47
N THR A 4 19.02 4.52 -4.13
CA THR A 4 18.76 3.13 -3.80
C THR A 4 19.41 2.78 -2.45
N ILE A 5 18.72 1.96 -1.68
CA ILE A 5 19.28 1.36 -0.46
C ILE A 5 19.67 -0.08 -0.87
N ALA A 6 20.94 -0.41 -0.61
CA ALA A 6 21.46 -1.75 -0.95
C ALA A 6 22.33 -2.21 0.22
N THR A 7 21.90 -3.29 0.85
CA THR A 7 22.60 -3.84 2.01
C THR A 7 22.73 -5.35 1.94
N GLU A 8 23.89 -5.86 2.34
CA GLU A 8 24.12 -7.29 2.39
C GLU A 8 23.27 -7.91 3.50
N ASN A 9 22.75 -7.08 4.40
CA ASN A 9 21.99 -7.56 5.57
C ASN A 9 20.56 -7.97 5.30
N ALA A 10 20.06 -7.77 4.08
CA ALA A 10 18.71 -8.22 3.68
C ALA A 10 18.98 -9.04 2.39
N PRO A 11 18.04 -9.91 2.04
CA PRO A 11 18.21 -10.71 0.83
C PRO A 11 18.47 -9.86 -0.37
N ALA A 12 19.41 -10.27 -1.22
CA ALA A 12 19.77 -9.52 -2.42
C ALA A 12 18.56 -9.39 -3.35
N ALA A 13 18.51 -8.23 -3.98
CA ALA A 13 17.44 -7.89 -4.94
C ALA A 13 17.86 -8.45 -6.30
N ILE A 14 17.37 -9.65 -6.55
CA ILE A 14 17.69 -10.31 -7.85
C ILE A 14 16.75 -9.83 -8.95
N GLY A 15 15.45 -9.88 -8.72
CA GLY A 15 14.49 -9.40 -9.75
C GLY A 15 14.64 -7.90 -10.03
N PRO A 16 13.67 -7.39 -10.80
CA PRO A 16 13.63 -5.99 -11.20
C PRO A 16 13.09 -5.09 -10.10
N TYR A 17 13.85 -4.99 -9.02
CA TYR A 17 13.46 -4.12 -7.89
C TYR A 17 14.73 -3.84 -7.09
N VAL A 18 14.67 -2.88 -6.20
CA VAL A 18 15.74 -2.58 -5.25
C VAL A 18 15.13 -2.89 -3.88
N GLN A 19 15.99 -3.09 -2.89
CA GLN A 19 15.56 -3.41 -1.53
C GLN A 19 14.76 -2.28 -0.90
N GLY A 20 15.15 -1.03 -1.19
CA GLY A 20 14.43 0.12 -0.60
C GLY A 20 14.95 1.38 -1.26
N VAL A 21 14.28 2.48 -0.98
CA VAL A 21 14.67 3.79 -1.52
C VAL A 21 14.76 4.80 -0.37
N ASP A 22 15.76 5.63 -0.47
CA ASP A 22 16.01 6.72 0.51
C ASP A 22 15.61 7.99 -0.25
N LEU A 23 14.51 8.60 0.10
CA LEU A 23 14.00 9.80 -0.55
C LEU A 23 14.37 11.09 0.14
N GLY A 24 15.22 11.04 1.12
CA GLY A 24 15.62 12.22 1.89
C GLY A 24 14.99 11.98 3.29
N ASN A 25 13.92 12.65 3.57
CA ASN A 25 13.30 12.43 4.89
C ASN A 25 12.62 11.06 4.96
N MET A 26 12.00 10.60 3.90
CA MET A 26 11.27 9.33 3.89
C MET A 26 12.05 8.20 3.24
N ILE A 27 12.00 7.05 3.89
CA ILE A 27 12.59 5.80 3.39
C ILE A 27 11.41 4.84 3.14
N ILE A 28 11.44 4.16 2.02
CA ILE A 28 10.41 3.16 1.74
C ILE A 28 11.10 1.83 1.42
N THR A 29 10.68 0.77 2.06
CA THR A 29 11.23 -0.54 1.73
C THR A 29 10.32 -1.29 0.75
N SER A 30 10.95 -2.26 0.07
CA SER A 30 10.21 -3.23 -0.70
C SER A 30 9.54 -4.15 0.35
N GLY A 31 8.54 -4.90 -0.11
CA GLY A 31 7.82 -5.88 0.71
C GLY A 31 8.83 -6.97 1.04
N GLN A 32 9.19 -7.19 2.29
CA GLN A 32 10.17 -8.19 2.70
C GLN A 32 9.47 -9.51 3.03
N ILE A 33 10.05 -10.56 2.46
CA ILE A 33 9.61 -11.93 2.71
C ILE A 33 10.64 -12.55 3.64
N PRO A 34 10.25 -13.63 4.29
CA PRO A 34 11.10 -14.25 5.31
C PRO A 34 12.25 -15.11 4.81
N VAL A 35 13.01 -14.55 3.90
CA VAL A 35 14.22 -15.23 3.40
C VAL A 35 15.40 -14.76 4.26
N ASN A 36 16.18 -15.74 4.70
CA ASN A 36 17.37 -15.45 5.53
C ASN A 36 18.47 -14.93 4.61
N PRO A 37 19.05 -13.77 4.84
CA PRO A 37 20.09 -13.23 3.96
C PRO A 37 21.39 -13.98 3.99
N LYS A 38 21.62 -14.74 5.05
CA LYS A 38 22.87 -15.52 5.18
C LYS A 38 22.77 -16.81 4.37
N THR A 39 21.66 -17.52 4.44
CA THR A 39 21.50 -18.80 3.77
C THR A 39 20.54 -18.92 2.61
N GLY A 40 19.62 -17.98 2.49
CA GLY A 40 18.62 -18.02 1.42
C GLY A 40 17.42 -18.88 1.81
N GLU A 41 17.44 -19.47 2.98
CA GLU A 41 16.32 -20.33 3.42
C GLU A 41 15.20 -19.57 4.10
N VAL A 42 14.05 -20.20 4.15
CA VAL A 42 12.85 -19.63 4.79
C VAL A 42 12.49 -20.55 5.96
N PRO A 43 12.36 -20.04 7.14
CA PRO A 43 12.00 -20.86 8.31
C PRO A 43 10.57 -21.32 8.15
N ALA A 44 10.28 -22.51 8.68
CA ALA A 44 8.94 -23.09 8.58
C ALA A 44 7.85 -22.38 9.38
N ASP A 45 8.17 -22.11 10.60
CA ASP A 45 7.37 -21.51 11.67
C ASP A 45 6.85 -20.12 11.32
N VAL A 46 5.57 -19.84 11.47
CA VAL A 46 5.07 -18.49 11.13
C VAL A 46 5.65 -17.39 12.00
N ALA A 47 5.87 -17.67 13.27
CA ALA A 47 6.47 -16.65 14.15
C ALA A 47 7.87 -16.33 13.64
N ALA A 48 8.62 -17.36 13.29
CA ALA A 48 9.98 -17.16 12.78
C ALA A 48 9.92 -16.41 11.46
N GLN A 49 8.94 -16.70 10.63
CA GLN A 49 8.81 -15.96 9.36
C GLN A 49 8.55 -14.48 9.63
N ALA A 50 7.62 -14.23 10.56
CA ALA A 50 7.34 -12.81 10.85
C ALA A 50 8.61 -12.09 11.31
N ARG A 51 9.37 -12.76 12.17
CA ARG A 51 10.62 -12.17 12.66
C ARG A 51 11.65 -11.98 11.57
N GLN A 52 11.79 -12.93 10.66
CA GLN A 52 12.76 -12.79 9.56
C GLN A 52 12.35 -11.62 8.67
N SER A 53 11.06 -11.51 8.34
CA SER A 53 10.62 -10.36 7.54
C SER A 53 10.92 -9.04 8.23
N LEU A 54 10.65 -8.97 9.52
CA LEU A 54 10.94 -7.75 10.29
C LEU A 54 12.44 -7.47 10.33
N ASP A 55 13.25 -8.50 10.47
CA ASP A 55 14.70 -8.28 10.49
C ASP A 55 15.16 -7.74 9.13
N ASN A 56 14.53 -8.25 8.09
CA ASN A 56 14.91 -7.78 6.72
C ASN A 56 14.53 -6.31 6.62
N VAL A 57 13.33 -5.94 7.06
CA VAL A 57 12.92 -4.52 7.04
C VAL A 57 13.93 -3.71 7.83
N LYS A 58 14.28 -4.16 9.02
CA LYS A 58 15.24 -3.46 9.89
C LYS A 58 16.58 -3.26 9.20
N ALA A 59 17.07 -4.28 8.51
CA ALA A 59 18.36 -4.16 7.80
C ALA A 59 18.34 -3.01 6.80
N ILE A 60 17.24 -2.88 6.07
CA ILE A 60 17.13 -1.83 5.04
C ILE A 60 17.02 -0.46 5.67
N VAL A 61 16.17 -0.35 6.70
CA VAL A 61 16.02 0.93 7.42
C VAL A 61 17.34 1.36 8.06
N GLU A 62 18.04 0.40 8.66
CA GLU A 62 19.33 0.74 9.29
C GLU A 62 20.36 1.09 8.23
N ALA A 63 20.31 0.49 7.05
CA ALA A 63 21.26 0.80 5.97
C ALA A 63 21.08 2.24 5.52
N ALA A 64 19.92 2.82 5.75
CA ALA A 64 19.66 4.21 5.40
C ALA A 64 19.97 5.15 6.57
N GLY A 65 20.50 4.65 7.66
CA GLY A 65 20.85 5.49 8.80
C GLY A 65 19.69 5.68 9.78
N LEU A 66 18.63 4.89 9.69
CA LEU A 66 17.47 5.04 10.59
C LEU A 66 17.41 3.87 11.53
N LYS A 67 16.44 3.92 12.43
CA LYS A 67 16.23 2.85 13.42
C LYS A 67 14.82 2.29 13.24
N VAL A 68 14.62 1.12 13.85
CA VAL A 68 13.29 0.51 13.86
C VAL A 68 12.28 1.54 14.43
N GLY A 69 12.70 2.34 15.41
CA GLY A 69 11.83 3.34 16.01
C GLY A 69 11.39 4.44 15.04
N ASP A 70 12.05 4.55 13.88
CA ASP A 70 11.69 5.54 12.86
C ASP A 70 10.64 5.00 11.87
N ILE A 71 10.29 3.75 12.01
CA ILE A 71 9.28 3.18 11.10
C ILE A 71 7.91 3.74 11.53
N VAL A 72 7.19 4.33 10.58
CA VAL A 72 5.91 4.97 10.91
C VAL A 72 4.72 4.30 10.26
N LYS A 73 4.91 3.44 9.26
CA LYS A 73 3.78 2.74 8.64
C LYS A 73 4.26 1.42 8.06
N THR A 74 3.50 0.38 8.28
CA THR A 74 3.78 -0.89 7.64
C THR A 74 2.49 -1.39 7.00
N THR A 75 2.68 -2.29 6.04
CA THR A 75 1.57 -3.08 5.52
C THR A 75 2.04 -4.55 5.71
N VAL A 76 1.21 -5.32 6.36
CA VAL A 76 1.49 -6.73 6.62
C VAL A 76 0.49 -7.57 5.84
N PHE A 77 1.04 -8.28 4.88
CA PHE A 77 0.24 -9.18 4.02
C PHE A 77 0.47 -10.59 4.57
N VAL A 78 -0.57 -11.32 4.92
CA VAL A 78 -0.39 -12.68 5.44
C VAL A 78 -1.13 -13.67 4.55
N LYS A 79 -0.67 -14.91 4.62
CA LYS A 79 -1.32 -16.02 3.93
C LYS A 79 -2.50 -16.52 4.75
N ASP A 80 -2.49 -16.39 6.07
CA ASP A 80 -3.58 -16.93 6.89
C ASP A 80 -3.81 -16.14 8.15
N LEU A 81 -4.91 -15.40 8.23
CA LEU A 81 -5.22 -14.61 9.42
C LEU A 81 -5.42 -15.51 10.63
N ASN A 82 -5.58 -16.81 10.45
CA ASN A 82 -5.72 -17.66 11.67
C ASN A 82 -4.40 -17.69 12.44
N ASP A 83 -3.30 -17.32 11.81
CA ASP A 83 -1.98 -17.29 12.51
C ASP A 83 -1.69 -15.88 13.00
N PHE A 84 -2.65 -14.98 12.91
CA PHE A 84 -2.34 -13.59 13.31
C PHE A 84 -2.03 -13.35 14.78
N ALA A 85 -2.54 -14.12 15.73
CA ALA A 85 -2.19 -13.86 17.14
C ALA A 85 -0.68 -14.04 17.31
N THR A 86 -0.18 -15.07 16.63
CA THR A 86 1.25 -15.40 16.69
C THR A 86 2.10 -14.30 16.06
N VAL A 87 1.67 -13.89 14.89
CA VAL A 87 2.35 -12.81 14.16
C VAL A 87 2.34 -11.54 15.01
N ASN A 88 1.19 -11.22 15.56
CA ASN A 88 1.04 -10.02 16.38
C ASN A 88 1.98 -10.03 17.56
N ALA A 89 2.08 -11.18 18.21
CA ALA A 89 2.98 -11.29 19.38
C ALA A 89 4.43 -11.04 18.98
N THR A 90 4.83 -11.65 17.87
CA THR A 90 6.21 -11.46 17.39
C THR A 90 6.44 -10.01 16.98
N TYR A 91 5.48 -9.44 16.27
CA TYR A 91 5.57 -8.06 15.79
C TYR A 91 5.69 -7.11 16.98
N GLU A 92 4.84 -7.34 17.97
CA GLU A 92 4.86 -6.51 19.18
C GLU A 92 6.22 -6.57 19.87
N ALA A 93 6.72 -7.81 20.04
CA ALA A 93 8.03 -8.04 20.69
C ALA A 93 9.14 -7.31 19.94
N PHE A 94 9.10 -7.44 18.61
CA PHE A 94 10.15 -6.80 17.78
C PHE A 94 10.23 -5.29 18.03
N PHE A 95 9.10 -4.61 18.02
CA PHE A 95 9.05 -3.15 18.26
C PHE A 95 9.49 -2.85 19.69
N THR A 96 8.98 -3.65 20.63
CA THR A 96 9.36 -3.43 22.04
C THR A 96 10.86 -3.58 22.23
N GLU A 97 11.46 -4.55 21.58
CA GLU A 97 12.91 -4.80 21.69
C GLU A 97 13.71 -3.60 21.24
N HIS A 98 13.15 -2.78 20.35
CA HIS A 98 13.81 -1.59 19.82
C HIS A 98 13.34 -0.32 20.47
N ASN A 99 12.64 -0.45 21.59
CA ASN A 99 12.09 0.71 22.31
C ASN A 99 11.39 1.66 21.33
N ALA A 100 10.61 1.07 20.44
CA ALA A 100 9.94 1.80 19.37
C ALA A 100 8.45 1.99 19.54
N THR A 101 7.98 3.19 19.23
CA THR A 101 6.52 3.42 19.21
C THR A 101 6.03 2.55 18.04
N PHE A 102 4.88 1.95 18.17
CA PHE A 102 4.38 1.11 17.08
C PHE A 102 3.98 1.94 15.86
N PRO A 103 4.31 1.45 14.68
CA PRO A 103 3.89 2.20 13.48
C PRO A 103 2.37 2.11 13.26
N ALA A 104 1.88 2.97 12.37
CA ALA A 104 0.54 2.79 11.80
C ALA A 104 0.66 1.49 10.96
N ARG A 105 -0.46 0.80 10.74
CA ARG A 105 -0.42 -0.50 10.05
C ARG A 105 -1.68 -0.85 9.33
N SER A 106 -1.51 -1.58 8.22
CA SER A 106 -2.64 -2.19 7.53
C SER A 106 -2.32 -3.70 7.50
N VAL A 108 -3.87 -7.53 5.99
CA VAL A 108 -4.85 -8.26 5.16
C VAL A 108 -4.33 -9.65 4.89
N GLU A 109 -5.26 -10.57 4.61
CA GLU A 109 -4.92 -11.92 4.18
C GLU A 109 -5.00 -11.93 2.65
N VAL A 110 -3.89 -12.26 1.99
CA VAL A 110 -3.88 -12.33 0.53
C VAL A 110 -4.04 -13.80 0.09
N ALA A 111 -4.21 -14.03 -1.19
CA ALA A 111 -4.36 -15.40 -1.69
C ALA A 111 -3.06 -16.18 -1.71
N ARG A 112 -1.94 -15.51 -2.00
CA ARG A 112 -0.64 -16.18 -2.10
C ARG A 112 0.43 -15.12 -2.10
N LEU A 113 1.62 -15.50 -1.65
CA LEU A 113 2.78 -14.63 -1.59
C LEU A 113 3.93 -15.25 -2.34
N PRO A 114 4.90 -14.44 -2.73
CA PRO A 114 6.09 -14.95 -3.44
C PRO A 114 6.70 -16.09 -2.61
N LYS A 115 7.11 -17.13 -3.33
CA LYS A 115 7.75 -18.33 -2.79
C LYS A 115 6.85 -19.04 -1.80
N ASP A 116 5.56 -18.81 -1.83
CA ASP A 116 4.63 -19.46 -0.89
C ASP A 116 4.95 -19.15 0.56
N VAL A 117 5.51 -17.98 0.83
CA VAL A 117 5.78 -17.60 2.24
C VAL A 117 4.44 -17.28 2.92
N LYS A 118 4.51 -17.14 4.21
CA LYS A 118 3.32 -16.86 5.01
C LYS A 118 3.12 -15.39 5.32
N ILE A 119 4.10 -14.54 5.01
CA ILE A 119 4.02 -13.12 5.36
C ILE A 119 4.96 -12.29 4.49
N GLU A 120 4.54 -11.06 4.23
CA GLU A 120 5.36 -10.08 3.49
C GLU A 120 5.08 -8.75 4.18
N ILE A 121 6.12 -8.01 4.49
CA ILE A 121 5.95 -6.73 5.21
C ILE A 121 6.74 -5.62 4.53
N GLU A 122 6.02 -4.54 4.21
CA GLU A 122 6.64 -3.35 3.64
C GLU A 122 6.58 -2.27 4.71
N ALA A 123 7.53 -1.34 4.65
CA ALA A 123 7.58 -0.29 5.68
C ALA A 123 8.01 1.04 5.14
N ILE A 124 7.55 2.09 5.80
CA ILE A 124 7.89 3.47 5.55
C ILE A 124 8.51 4.00 6.86
N ALA A 125 9.64 4.66 6.77
CA ALA A 125 10.33 5.27 7.92
C ALA A 125 10.66 6.72 7.58
N VAL A 126 10.81 7.55 8.62
CA VAL A 126 11.15 8.96 8.39
C VAL A 126 12.30 9.36 9.30
N ARG A 127 13.08 10.29 8.78
CA ARG A 127 14.21 10.82 9.58
C ARG A 127 13.75 11.81 10.65
N ARG A 128 12.74 12.59 10.36
CA ARG A 128 12.20 13.60 11.27
C ARG A 128 10.76 13.31 11.70
N SER B 2 8.00 13.56 13.83
CA SER B 2 6.75 12.80 13.57
C SER B 2 6.10 12.42 14.92
N LYS B 3 4.77 12.26 14.86
CA LYS B 3 4.04 11.93 16.09
C LYS B 3 2.85 11.04 15.83
N THR B 4 2.50 10.35 16.91
CA THR B 4 1.34 9.48 16.87
C THR B 4 0.05 10.31 16.85
N ILE B 5 -0.93 9.84 16.10
CA ILE B 5 -2.29 10.40 16.13
C ILE B 5 -3.10 9.41 17.01
N ALA B 6 -3.74 9.98 18.04
CA ALA B 6 -4.55 9.17 18.97
C ALA B 6 -5.83 9.94 19.25
N THR B 7 -6.95 9.35 18.85
CA THR B 7 -8.26 9.98 19.02
C THR B 7 -9.30 9.00 19.53
N GLU B 8 -10.16 9.47 20.44
CA GLU B 8 -11.24 8.66 20.96
C GLU B 8 -12.28 8.43 19.86
N ASN B 9 -12.22 9.22 18.79
CA ASN B 9 -13.21 9.16 17.70
C ASN B 9 -13.05 8.02 16.73
N ALA B 10 -11.99 7.22 16.84
CA ALA B 10 -11.78 6.02 16.01
C ALA B 10 -11.52 4.90 17.05
N PRO B 11 -11.73 3.66 16.64
CA PRO B 11 -11.50 2.54 17.56
C PRO B 11 -10.12 2.58 18.15
N ALA B 12 -10.01 2.31 19.45
CA ALA B 12 -8.72 2.34 20.14
C ALA B 12 -7.77 1.30 19.54
N ALA B 13 -6.51 1.70 19.51
CA ALA B 13 -5.42 0.85 18.99
C ALA B 13 -4.96 -0.05 20.13
N ILE B 14 -5.54 -1.24 20.13
CA ILE B 14 -5.18 -2.22 21.19
C ILE B 14 -3.92 -2.99 20.81
N GLY B 15 -3.87 -3.56 19.62
CA GLY B 15 -2.65 -4.29 19.18
C GLY B 15 -1.43 -3.37 19.08
N PRO B 16 -0.37 -3.94 18.51
CA PRO B 16 0.90 -3.25 18.32
C PRO B 16 0.89 -2.32 17.13
N TYR B 17 0.08 -1.28 17.21
CA TYR B 17 -0.01 -0.27 16.14
C TYR B 17 -0.59 1.00 16.75
N VAL B 18 -0.51 2.09 16.04
CA VAL B 18 -1.14 3.36 16.41
C VAL B 18 -2.19 3.60 15.32
N GLN B 19 -3.17 4.44 15.62
CA GLN B 19 -4.24 4.76 14.68
C GLN B 19 -3.72 5.45 13.42
N GLY B 20 -2.72 6.32 13.59
CA GLY B 20 -2.17 7.04 12.42
C GLY B 20 -0.93 7.78 12.87
N VAL B 21 -0.22 8.33 11.91
CA VAL B 21 1.00 9.10 12.17
C VAL B 21 0.91 10.45 11.44
N ASP B 22 1.38 11.45 12.13
CA ASP B 22 1.44 12.84 11.61
C ASP B 22 2.93 13.07 11.33
N LEU B 23 3.32 13.11 10.08
CA LEU B 23 4.71 13.29 9.67
C LEU B 23 5.08 14.71 9.34
N GLY B 24 4.22 15.64 9.60
CA GLY B 24 4.45 17.06 9.28
C GLY B 24 3.44 17.35 8.13
N ASN B 25 3.92 17.41 6.93
CA ASN B 25 2.97 17.68 5.83
C ASN B 25 2.09 16.46 5.56
N MET B 26 2.60 15.26 5.66
CA MET B 26 1.84 14.04 5.36
C MET B 26 1.35 13.32 6.60
N ILE B 27 0.11 12.89 6.53
CA ILE B 27 -0.54 12.09 7.57
C ILE B 27 -0.84 10.72 6.93
N ILE B 28 -0.56 9.66 7.66
CA ILE B 28 -0.89 8.32 7.16
C ILE B 28 -1.73 7.61 8.23
N THR B 29 -2.84 7.05 7.82
CA THR B 29 -3.64 6.26 8.77
C THR B 29 -3.33 4.77 8.65
N SER B 30 -3.67 4.07 9.75
CA SER B 30 -3.69 2.63 9.73
C SER B 30 -4.94 2.25 8.88
N GLY B 31 -4.96 1.00 8.44
CA GLY B 31 -6.09 0.44 7.68
C GLY B 31 -7.26 0.40 8.65
N GLN B 32 -8.34 1.12 8.40
CA GLN B 32 -9.51 1.18 9.27
C GLN B 32 -10.54 0.13 8.85
N ILE B 33 -10.99 -0.59 9.86
CA ILE B 33 -12.05 -1.58 9.70
C ILE B 33 -13.32 -0.96 10.29
N PRO B 34 -14.46 -1.52 9.90
CA PRO B 34 -15.75 -0.94 10.28
C PRO B 34 -16.22 -1.21 11.70
N VAL B 35 -15.35 -0.95 12.65
CA VAL B 35 -15.70 -1.06 14.07
C VAL B 35 -16.18 0.32 14.53
N ASN B 36 -17.32 0.30 15.22
CA ASN B 36 -17.90 1.55 15.76
C ASN B 36 -17.10 1.95 16.99
N PRO B 37 -16.56 3.14 17.09
CA PRO B 37 -15.76 3.54 18.25
C PRO B 37 -16.56 3.71 19.52
N LYS B 38 -17.85 3.91 19.39
CA LYS B 38 -18.73 4.09 20.58
C LYS B 38 -19.07 2.74 21.19
N THR B 39 -19.41 1.74 20.39
CA THR B 39 -19.83 0.44 20.89
C THR B 39 -18.94 -0.76 20.67
N GLY B 40 -18.03 -0.66 19.72
CA GLY B 40 -17.14 -1.78 19.41
C GLY B 40 -17.79 -2.75 18.42
N GLU B 41 -19.01 -2.49 18.01
CA GLU B 41 -19.71 -3.38 17.07
C GLU B 41 -19.43 -3.07 15.62
N VAL B 42 -19.70 -4.04 14.78
CA VAL B 42 -19.52 -3.92 13.32
C VAL B 42 -20.89 -4.07 12.68
N PRO B 43 -21.31 -3.15 11.87
CA PRO B 43 -22.63 -3.23 11.21
C PRO B 43 -22.58 -4.35 10.20
N ALA B 44 -23.73 -5.00 9.99
CA ALA B 44 -23.82 -6.11 9.05
C ALA B 44 -23.67 -5.75 7.57
N ASP B 45 -24.37 -4.74 7.18
CA ASP B 45 -24.53 -4.15 5.86
C ASP B 45 -23.21 -3.69 5.25
N VAL B 46 -22.88 -4.06 4.03
CA VAL B 46 -21.60 -3.61 3.45
C VAL B 46 -21.53 -2.10 3.25
N ALA B 47 -22.64 -1.48 2.89
CA ALA B 47 -22.62 -0.02 2.72
C ALA B 47 -22.31 0.62 4.07
N ALA B 48 -22.94 0.13 5.12
CA ALA B 48 -22.70 0.67 6.46
C ALA B 48 -21.25 0.41 6.86
N GLN B 49 -20.71 -0.74 6.51
CA GLN B 49 -19.30 -1.01 6.83
C GLN B 49 -18.39 -0.01 6.12
N ALA B 50 -18.68 0.20 4.83
CA ALA B 50 -17.82 1.16 4.10
C ALA B 50 -17.86 2.54 4.78
N ARG B 51 -19.06 2.95 5.17
CA ARG B 51 -19.21 4.25 5.84
C ARG B 51 -18.52 4.29 7.19
N GLN B 52 -18.60 3.23 7.97
CA GLN B 52 -17.93 3.20 9.28
C GLN B 52 -16.41 3.29 9.08
N SER B 53 -15.88 2.53 8.12
CA SER B 53 -14.43 2.63 7.86
C SER B 53 -14.02 4.04 7.46
N LEU B 54 -14.81 4.66 6.59
CA LEU B 54 -14.53 6.04 6.18
C LEU B 54 -14.63 7.01 7.34
N ASP B 55 -15.61 6.81 8.21
CA ASP B 55 -15.74 7.70 9.37
C ASP B 55 -14.51 7.55 10.28
N ASN B 56 -14.04 6.31 10.38
CA ASN B 56 -12.85 6.06 11.24
C ASN B 56 -11.66 6.80 10.61
N VAL B 57 -11.48 6.67 9.30
CA VAL B 57 -10.39 7.40 8.61
C VAL B 57 -10.55 8.88 8.88
N LYS B 58 -11.74 9.41 8.72
CA LYS B 58 -12.02 10.84 8.94
C LYS B 58 -11.66 11.27 10.35
N ALA B 59 -12.00 10.46 11.35
CA ALA B 59 -11.66 10.81 12.74
C ALA B 59 -10.17 11.01 12.92
N ILE B 60 -9.36 10.14 12.32
CA ILE B 60 -7.91 10.21 12.46
C ILE B 60 -7.35 11.42 11.73
N VAL B 61 -7.82 11.63 10.50
CA VAL B 61 -7.38 12.80 9.71
C VAL B 61 -7.76 14.10 10.41
N GLU B 62 -8.97 14.15 10.95
CA GLU B 62 -9.40 15.37 11.65
C GLU B 62 -8.62 15.55 12.94
N ALA B 63 -8.23 14.47 13.61
CA ALA B 63 -7.45 14.57 14.86
C ALA B 63 -6.09 15.18 14.57
N ALA B 64 -5.62 15.11 13.34
CA ALA B 64 -4.35 15.71 12.95
C ALA B 64 -4.54 17.13 12.43
N GLY B 65 -5.74 17.66 12.47
CA GLY B 65 -6.00 19.03 12.00
C GLY B 65 -6.32 19.11 10.52
N LEU B 66 -6.61 18.00 9.86
CA LEU B 66 -6.91 18.01 8.42
C LEU B 66 -8.37 17.72 8.19
N LYS B 67 -8.77 17.76 6.94
CA LYS B 67 -10.16 17.48 6.54
C LYS B 67 -10.17 16.30 5.58
N VAL B 68 -11.38 15.75 5.41
CA VAL B 68 -11.57 14.68 4.42
C VAL B 68 -11.05 15.17 3.05
N GLY B 69 -11.23 16.45 2.74
CA GLY B 69 -10.77 17.01 1.47
C GLY B 69 -9.25 16.98 1.30
N ASP B 70 -8.51 16.75 2.38
CA ASP B 70 -7.04 16.66 2.32
C ASP B 70 -6.55 15.23 2.05
N ILE B 71 -7.46 14.30 2.00
CA ILE B 71 -7.06 12.91 1.72
C ILE B 71 -6.70 12.83 0.22
N VAL B 72 -5.51 12.33 -0.08
CA VAL B 72 -5.04 12.29 -1.46
C VAL B 72 -4.85 10.89 -1.99
N LYS B 73 -4.81 9.86 -1.14
CA LYS B 73 -4.67 8.49 -1.63
C LYS B 73 -5.30 7.53 -0.62
N THR B 74 -6.04 6.58 -1.12
CA THR B 74 -6.55 5.52 -0.26
C THR B 74 -6.22 4.18 -0.92
N THR B 75 -6.25 3.16 -0.08
CA THR B 75 -6.24 1.78 -0.58
C THR B 75 -7.49 1.15 0.09
N VAL B 76 -8.33 0.58 -0.74
CA VAL B 76 -9.55 -0.08 -0.28
C VAL B 76 -9.42 -1.57 -0.54
N PHE B 77 -9.38 -2.29 0.55
CA PHE B 77 -9.28 -3.77 0.51
C PHE B 77 -10.69 -4.28 0.78
N VAL B 78 -11.25 -5.11 -0.08
CA VAL B 78 -12.60 -5.64 0.15
C VAL B 78 -12.55 -7.16 0.20
N LYS B 79 -13.56 -7.71 0.86
CA LYS B 79 -13.75 -9.15 0.91
C LYS B 79 -14.45 -9.63 -0.36
N ASP B 80 -15.26 -8.81 -1.01
CA ASP B 80 -16.00 -9.27 -2.20
C ASP B 80 -16.27 -8.17 -3.19
N LEU B 81 -15.59 -8.19 -4.33
CA LEU B 81 -15.79 -7.17 -5.35
C LEU B 81 -17.22 -7.21 -5.89
N ASN B 82 -17.98 -8.25 -5.62
CA ASN B 82 -19.39 -8.21 -6.12
C ASN B 82 -20.18 -7.14 -5.37
N ASP B 83 -19.70 -6.68 -4.22
CA ASP B 83 -20.39 -5.62 -3.45
C ASP B 83 -19.78 -4.26 -3.79
N PHE B 84 -18.92 -4.20 -4.78
CA PHE B 84 -18.27 -2.90 -5.05
C PHE B 84 -19.16 -1.77 -5.54
N ALA B 85 -20.25 -2.02 -6.25
CA ALA B 85 -21.10 -0.90 -6.69
C ALA B 85 -21.62 -0.16 -5.46
N THR B 86 -21.98 -0.96 -4.45
CA THR B 86 -22.51 -0.42 -3.20
C THR B 86 -21.47 0.39 -2.45
N VAL B 87 -20.29 -0.20 -2.35
CA VAL B 87 -19.16 0.46 -1.68
C VAL B 87 -18.84 1.77 -2.42
N ASN B 88 -18.78 1.70 -3.73
CA ASN B 88 -18.46 2.88 -4.55
C ASN B 88 -19.45 3.99 -4.31
N ALA B 89 -20.73 3.64 -4.26
CA ALA B 89 -21.77 4.66 -4.04
C ALA B 89 -21.59 5.34 -2.68
N THR B 90 -21.34 4.53 -1.66
CA THR B 90 -21.13 5.09 -0.32
C THR B 90 -19.87 5.94 -0.28
N TYR B 91 -18.80 5.44 -0.88
CA TYR B 91 -17.51 6.14 -0.92
C TYR B 91 -17.68 7.49 -1.62
N GLU B 92 -18.36 7.45 -2.76
CA GLU B 92 -18.61 8.68 -3.52
C GLU B 92 -19.38 9.70 -2.69
N ALA B 93 -20.45 9.22 -2.05
CA ALA B 93 -21.30 10.09 -1.20
C ALA B 93 -20.48 10.73 -0.08
N PHE B 94 -19.65 9.89 0.56
CA PHE B 94 -18.83 10.39 1.68
C PHE B 94 -17.95 11.57 1.26
N PHE B 95 -17.25 11.45 0.15
CA PHE B 95 -16.38 12.52 -0.36
C PHE B 95 -17.22 13.73 -0.75
N THR B 96 -18.33 13.46 -1.44
CA THR B 96 -19.21 14.57 -1.85
C THR B 96 -19.73 15.34 -0.64
N GLU B 97 -20.08 14.64 0.41
CA GLU B 97 -20.60 15.26 1.64
C GLU B 97 -19.59 16.22 2.24
N HIS B 98 -18.30 15.99 2.00
CA HIS B 98 -17.23 16.83 2.52
C HIS B 98 -16.68 17.79 1.49
N ASN B 99 -17.41 17.96 0.40
CA ASN B 99 -16.98 18.86 -0.69
C ASN B 99 -15.52 18.59 -1.04
N ALA B 100 -15.18 17.32 -1.13
CA ALA B 100 -13.81 16.87 -1.36
C ALA B 100 -13.51 16.34 -2.74
N THR B 101 -12.37 16.73 -3.28
CA THR B 101 -11.92 16.14 -4.55
C THR B 101 -11.65 14.67 -4.20
N PHE B 102 -11.95 13.76 -5.08
CA PHE B 102 -11.70 12.34 -4.77
C PHE B 102 -10.21 12.02 -4.73
N PRO B 103 -9.81 11.22 -3.76
CA PRO B 103 -8.38 10.84 -3.73
C PRO B 103 -8.01 9.89 -4.88
N ALA B 104 -6.71 9.73 -5.08
CA ALA B 104 -6.19 8.62 -5.89
C ALA B 104 -6.56 7.35 -5.07
N ARG B 105 -6.70 6.21 -5.73
CA ARG B 105 -7.15 4.98 -5.05
C ARG B 105 -6.66 3.72 -5.69
N SER B 106 -6.45 2.71 -4.84
CA SER B 106 -6.20 1.35 -5.30
C SER B 106 -7.31 0.49 -4.65
N VAL B 108 -8.70 -3.67 -4.29
CA VAL B 108 -8.46 -5.10 -4.55
C VAL B 108 -9.36 -5.92 -3.65
N GLU B 109 -9.64 -7.15 -4.07
CA GLU B 109 -10.36 -8.11 -3.24
C GLU B 109 -9.31 -9.00 -2.57
N VAL B 110 -9.30 -9.02 -1.25
CA VAL B 110 -8.35 -9.87 -0.51
C VAL B 110 -9.06 -11.16 -0.09
N ALA B 111 -8.31 -12.11 0.45
CA ALA B 111 -8.91 -13.37 0.89
C ALA B 111 -9.69 -13.24 2.19
N ARG B 112 -9.23 -12.39 3.11
CA ARG B 112 -9.88 -12.24 4.41
C ARG B 112 -9.32 -10.99 5.06
N LEU B 113 -10.11 -10.39 5.94
CA LEU B 113 -9.75 -9.19 6.67
C LEU B 113 -9.90 -9.44 8.16
N PRO B 114 -9.23 -8.63 8.96
CA PRO B 114 -9.33 -8.76 10.43
C PRO B 114 -10.82 -8.75 10.82
N LYS B 115 -11.13 -9.63 11.77
CA LYS B 115 -12.47 -9.80 12.34
C LYS B 115 -13.48 -10.18 11.28
N ASP B 116 -13.06 -10.70 10.15
CA ASP B 116 -13.99 -11.09 9.08
C ASP B 116 -14.82 -9.92 8.57
N VAL B 117 -14.29 -8.71 8.63
CA VAL B 117 -15.02 -7.54 8.09
C VAL B 117 -15.02 -7.64 6.56
N LYS B 118 -15.81 -6.79 5.96
CA LYS B 118 -15.95 -6.78 4.51
C LYS B 118 -15.08 -5.73 3.83
N ILE B 119 -14.45 -4.84 4.60
CA ILE B 119 -13.67 -3.74 4.02
C ILE B 119 -12.66 -3.20 5.03
N GLU B 120 -11.54 -2.73 4.50
CA GLU B 120 -10.50 -2.08 5.30
C GLU B 120 -9.98 -0.95 4.41
N ILE B 121 -9.86 0.24 4.96
CA ILE B 121 -9.41 1.40 4.16
C ILE B 121 -8.31 2.16 4.88
N GLU B 122 -7.20 2.34 4.16
CA GLU B 122 -6.08 3.13 4.66
C GLU B 122 -6.04 4.41 3.84
N ALA B 123 -5.52 5.48 4.44
CA ALA B 123 -5.49 6.76 3.73
C ALA B 123 -4.25 7.57 4.03
N ILE B 124 -3.89 8.39 3.07
CA ILE B 124 -2.80 9.35 3.14
C ILE B 124 -3.44 10.73 2.91
N ALA B 125 -3.12 11.69 3.74
CA ALA B 125 -3.60 13.08 3.62
C ALA B 125 -2.41 14.03 3.71
N VAL B 126 -2.56 15.22 3.13
CA VAL B 126 -1.47 16.21 3.19
C VAL B 126 -2.02 17.56 3.62
N ARG B 127 -1.16 18.28 4.30
CA ARG B 127 -1.53 19.65 4.74
C ARG B 127 -1.48 20.66 3.60
N ARG B 128 -0.55 20.51 2.69
CA ARG B 128 -0.36 21.41 1.56
C ARG B 128 -0.59 20.72 0.20
N SER C 2 -1.36 20.67 -3.20
CA SER C 2 -1.49 19.38 -3.95
C SER C 2 -2.55 19.54 -5.05
N LYS C 3 -2.39 18.74 -6.10
CA LYS C 3 -3.32 18.83 -7.23
C LYS C 3 -3.55 17.48 -7.89
N THR C 4 -4.71 17.44 -8.53
CA THR C 4 -5.09 16.26 -9.28
C THR C 4 -4.25 16.15 -10.56
N ILE C 5 -3.88 14.93 -10.91
CA ILE C 5 -3.26 14.63 -12.21
C ILE C 5 -4.41 14.05 -13.07
N ALA C 6 -4.59 14.67 -14.24
CA ALA C 6 -5.65 14.23 -15.17
C ALA C 6 -5.06 14.25 -16.58
N THR C 7 -4.99 13.07 -17.18
CA THR C 7 -4.42 12.92 -18.52
C THR C 7 -5.28 12.02 -19.41
N GLU C 8 -5.40 12.40 -20.68
CA GLU C 8 -6.13 11.60 -21.64
C GLU C 8 -5.35 10.33 -21.94
N ASN C 9 -4.07 10.29 -21.56
CA ASN C 9 -3.19 9.15 -21.86
C ASN C 9 -3.36 7.93 -20.98
N ALA C 10 -4.20 8.00 -19.94
CA ALA C 10 -4.52 6.85 -19.07
C ALA C 10 -6.06 6.81 -19.09
N PRO C 11 -6.62 5.66 -18.76
CA PRO C 11 -8.08 5.53 -18.74
C PRO C 11 -8.72 6.58 -17.87
N ALA C 12 -9.81 7.17 -18.33
CA ALA C 12 -10.50 8.22 -17.59
C ALA C 12 -11.00 7.68 -16.24
N ALA C 13 -10.94 8.57 -15.27
CA ALA C 13 -11.38 8.27 -13.89
C ALA C 13 -12.88 8.53 -13.83
N ILE C 14 -13.61 7.45 -14.03
CA ILE C 14 -15.09 7.55 -14.00
C ILE C 14 -15.61 7.47 -12.56
N GLY C 15 -15.20 6.47 -11.81
CA GLY C 15 -15.65 6.36 -10.39
C GLY C 15 -15.15 7.53 -9.54
N PRO C 16 -15.37 7.37 -8.23
CA PRO C 16 -14.99 8.37 -7.24
C PRO C 16 -13.51 8.33 -6.90
N TYR C 17 -12.68 8.66 -7.88
CA TYR C 17 -11.22 8.69 -7.69
C TYR C 17 -10.64 9.58 -8.78
N VAL C 18 -9.40 9.95 -8.64
CA VAL C 18 -8.63 10.68 -9.66
C VAL C 18 -7.53 9.71 -10.08
N GLN C 19 -6.96 9.94 -11.24
CA GLN C 19 -5.89 9.09 -11.78
C GLN C 19 -4.64 9.13 -10.91
N GLY C 20 -4.33 10.30 -10.35
CA GLY C 20 -3.12 10.41 -9.51
C GLY C 20 -3.13 11.78 -8.86
N VAL C 21 -2.22 11.98 -7.93
CA VAL C 21 -2.08 13.25 -7.22
C VAL C 21 -0.61 13.70 -7.27
N ASP C 22 -0.46 14.99 -7.45
CA ASP C 22 0.87 15.65 -7.49
C ASP C 22 0.94 16.40 -6.16
N LEU C 23 1.75 15.94 -5.23
CA LEU C 23 1.90 16.53 -3.91
C LEU C 23 3.07 17.49 -3.79
N GLY C 24 3.71 17.81 -4.87
CA GLY C 24 4.89 18.69 -4.86
C GLY C 24 6.06 17.75 -5.24
N ASN C 25 6.83 17.37 -4.27
CA ASN C 25 7.95 16.46 -4.61
C ASN C 25 7.43 15.05 -4.92
N MET C 26 6.42 14.57 -4.25
CA MET C 26 5.91 13.22 -4.44
C MET C 26 4.65 13.17 -5.28
N ILE C 27 4.62 12.21 -6.19
CA ILE C 27 3.46 11.92 -7.04
C ILE C 27 2.98 10.51 -6.64
N ILE C 28 1.69 10.35 -6.50
CA ILE C 28 1.14 9.02 -6.21
C ILE C 28 0.07 8.71 -7.26
N THR C 29 0.15 7.55 -7.87
CA THR C 29 -0.90 7.15 -8.80
C THR C 29 -1.93 6.25 -8.13
N SER C 30 -3.11 6.21 -8.76
CA SER C 30 -4.11 5.24 -8.42
C SER C 30 -3.57 3.89 -8.97
N GLY C 31 -4.15 2.80 -8.48
CA GLY C 31 -3.82 1.44 -8.92
C GLY C 31 -4.28 1.35 -10.37
N GLN C 32 -3.41 1.15 -11.33
CA GLN C 32 -3.74 1.07 -12.75
C GLN C 32 -4.01 -0.37 -13.16
N ILE C 33 -5.13 -0.52 -13.85
CA ILE C 33 -5.52 -1.81 -14.43
C ILE C 33 -5.25 -1.72 -15.93
N PRO C 34 -5.17 -2.87 -16.56
CA PRO C 34 -4.78 -2.93 -17.98
C PRO C 34 -5.86 -2.57 -18.99
N VAL C 35 -6.48 -1.43 -18.77
CA VAL C 35 -7.47 -0.91 -19.73
C VAL C 35 -6.72 0.03 -20.69
N ASN C 36 -6.99 -0.19 -21.97
CA ASN C 36 -6.36 0.65 -23.02
C ASN C 36 -7.08 1.99 -23.04
N PRO C 37 -6.41 3.11 -22.92
CA PRO C 37 -7.07 4.43 -22.90
C PRO C 37 -7.66 4.84 -24.23
N LYS C 38 -7.20 4.24 -25.31
CA LYS C 38 -7.71 4.57 -26.66
C LYS C 38 -9.03 3.83 -26.90
N THR C 39 -9.12 2.56 -26.57
CA THR C 39 -10.30 1.76 -26.85
C THR C 39 -11.16 1.29 -25.70
N GLY C 40 -10.61 1.29 -24.50
CA GLY C 40 -11.36 0.83 -23.32
C GLY C 40 -11.25 -0.69 -23.16
N GLU C 41 -10.56 -1.36 -24.06
CA GLU C 41 -10.42 -2.82 -23.98
C GLU C 41 -9.25 -3.28 -23.12
N VAL C 42 -9.31 -4.52 -22.71
CA VAL C 42 -8.26 -5.14 -21.88
C VAL C 42 -7.67 -6.29 -22.70
N PRO C 43 -6.40 -6.34 -22.89
CA PRO C 43 -5.76 -7.42 -23.67
C PRO C 43 -5.86 -8.69 -22.86
N ALA C 44 -5.97 -9.82 -23.57
CA ALA C 44 -6.10 -11.13 -22.93
C ALA C 44 -4.86 -11.62 -22.18
N ASP C 45 -3.75 -11.52 -22.83
CA ASP C 45 -2.40 -11.94 -22.47
C ASP C 45 -1.90 -11.30 -21.18
N VAL C 46 -1.39 -12.05 -20.23
CA VAL C 46 -0.91 -11.43 -18.98
C VAL C 46 0.27 -10.49 -19.19
N ALA C 47 1.17 -10.84 -20.10
CA ALA C 47 2.31 -9.95 -20.37
C ALA C 47 1.78 -8.62 -20.91
N ALA C 48 0.83 -8.70 -21.82
CA ALA C 48 0.25 -7.48 -22.40
C ALA C 48 -0.47 -6.70 -21.30
N GLN C 49 -1.14 -7.38 -20.40
CA GLN C 49 -1.81 -6.68 -19.29
C GLN C 49 -0.79 -5.94 -18.43
N ALA C 50 0.29 -6.65 -18.11
CA ALA C 50 1.31 -5.98 -17.27
C ALA C 50 1.83 -4.72 -17.96
N ARG C 51 2.07 -4.83 -19.27
CA ARG C 51 2.56 -3.68 -20.03
C ARG C 51 1.54 -2.56 -20.10
N GLN C 52 0.27 -2.87 -20.29
CA GLN C 52 -0.77 -1.83 -20.34
C GLN C 52 -0.85 -1.12 -18.99
N SER C 53 -0.83 -1.88 -17.90
CA SER C 53 -0.85 -1.23 -16.57
C SER C 53 0.35 -0.30 -16.38
N LEU C 54 1.52 -0.77 -16.78
CA LEU C 54 2.73 0.07 -16.68
C LEU C 54 2.63 1.30 -17.57
N ASP C 55 2.08 1.15 -18.75
CA ASP C 55 1.94 2.32 -19.64
C ASP C 55 0.98 3.34 -19.00
N ASN C 56 -0.04 2.81 -18.35
CA ASN C 56 -1.02 3.72 -17.70
C ASN C 56 -0.30 4.46 -16.58
N VAL C 57 0.48 3.75 -15.77
CA VAL C 57 1.26 4.40 -14.69
C VAL C 57 2.15 5.46 -15.32
N LYS C 58 2.86 5.11 -16.37
CA LYS C 58 3.77 6.04 -17.07
C LYS C 58 3.04 7.29 -17.54
N ALA C 59 1.85 7.13 -18.11
CA ALA C 59 1.08 8.29 -18.58
C ALA C 59 0.82 9.29 -17.46
N ILE C 60 0.47 8.78 -16.27
CA ILE C 60 0.15 9.65 -15.13
C ILE C 60 1.40 10.33 -14.61
N VAL C 61 2.48 9.56 -14.46
CA VAL C 61 3.77 10.12 -14.00
C VAL C 61 4.28 11.18 -14.97
N GLU C 62 4.17 10.89 -16.26
CA GLU C 62 4.63 11.88 -17.26
C GLU C 62 3.73 13.09 -17.26
N ALA C 63 2.44 12.94 -17.00
CA ALA C 63 1.51 14.09 -16.96
C ALA C 63 1.88 15.03 -15.83
N ALA C 64 2.59 14.54 -14.82
CA ALA C 64 3.05 15.37 -13.72
C ALA C 64 4.44 15.92 -13.97
N GLY C 65 5.01 15.70 -15.13
CA GLY C 65 6.34 16.22 -15.45
C GLY C 65 7.47 15.29 -15.03
N LEU C 66 7.19 14.05 -14.69
CA LEU C 66 8.24 13.11 -14.25
C LEU C 66 8.46 12.05 -15.30
N LYS C 67 9.42 11.19 -15.05
CA LYS C 67 9.76 10.08 -15.96
C LYS C 67 9.58 8.76 -15.22
N VAL C 68 9.53 7.69 -16.03
CA VAL C 68 9.49 6.34 -15.45
C VAL C 68 10.67 6.18 -14.47
N GLY C 69 11.82 6.77 -14.79
CA GLY C 69 13.00 6.67 -13.93
C GLY C 69 12.81 7.33 -12.56
N ASP C 70 11.77 8.15 -12.40
CA ASP C 70 11.48 8.80 -11.11
C ASP C 70 10.57 7.94 -10.22
N ILE C 71 10.11 6.83 -10.73
CA ILE C 71 9.24 5.96 -9.92
C ILE C 71 10.14 5.26 -8.88
N VAL C 72 9.78 5.37 -7.61
CA VAL C 72 10.61 4.82 -6.54
C VAL C 72 9.95 3.69 -5.79
N LYS C 73 8.63 3.49 -5.91
CA LYS C 73 7.97 2.39 -5.22
C LYS C 73 6.72 1.99 -6.00
N THR C 74 6.53 0.70 -6.16
CA THR C 74 5.29 0.21 -6.74
C THR C 74 4.74 -0.87 -5.82
N THR C 75 3.44 -1.10 -6.00
CA THR C 75 2.81 -2.29 -5.42
C THR C 75 2.13 -2.98 -6.64
N VAL C 76 2.45 -4.23 -6.80
CA VAL C 76 1.90 -5.04 -7.89
C VAL C 76 1.00 -6.11 -7.30
N PHE C 77 -0.26 -5.96 -7.61
CA PHE C 77 -1.29 -6.91 -7.15
C PHE C 77 -1.58 -7.82 -8.34
N VAL C 78 -1.47 -9.13 -8.20
CA VAL C 78 -1.76 -10.03 -9.31
C VAL C 78 -2.87 -11.00 -8.93
N LYS C 79 -3.52 -11.51 -9.96
CA LYS C 79 -4.54 -12.54 -9.80
C LYS C 79 -3.88 -13.91 -9.66
N ASP C 80 -2.71 -14.13 -10.22
CA ASP C 80 -2.09 -15.46 -10.17
C ASP C 80 -0.58 -15.41 -10.18
N LEU C 81 0.06 -15.71 -9.06
CA LEU C 81 1.52 -15.69 -8.99
C LEU C 81 2.12 -16.73 -9.93
N ASN C 82 1.35 -17.67 -10.44
CA ASN C 82 1.97 -18.62 -11.40
C ASN C 82 2.36 -17.90 -12.69
N ASP C 83 1.81 -16.72 -12.95
CA ASP C 83 2.16 -15.94 -14.16
C ASP C 83 3.24 -14.92 -13.81
N PHE C 84 3.80 -14.98 -12.63
CA PHE C 84 4.78 -13.94 -12.26
C PHE C 84 6.08 -13.91 -13.05
N ALA C 85 6.59 -15.01 -13.58
CA ALA C 85 7.84 -14.94 -14.35
C ALA C 85 7.61 -14.04 -15.56
N THR C 86 6.43 -14.20 -16.15
CA THR C 86 6.05 -13.42 -17.33
C THR C 86 5.92 -11.94 -17.01
N VAL C 87 5.22 -11.69 -15.92
CA VAL C 87 5.02 -10.31 -15.45
C VAL C 87 6.38 -9.68 -15.15
N ASN C 88 7.22 -10.41 -14.45
CA ASN C 88 8.55 -9.92 -14.08
C ASN C 88 9.36 -9.55 -15.30
N ALA C 89 9.31 -10.40 -16.31
CA ALA C 89 10.07 -10.13 -17.55
C ALA C 89 9.59 -8.84 -18.21
N THR C 90 8.28 -8.69 -18.29
CA THR C 90 7.72 -7.47 -18.89
C THR C 90 8.06 -6.25 -18.06
N TYR C 91 7.92 -6.37 -16.75
CA TYR C 91 8.20 -5.27 -15.81
C TYR C 91 9.66 -4.85 -15.95
N GLU C 92 10.54 -5.85 -15.97
CA GLU C 92 11.98 -5.57 -16.11
C GLU C 92 12.27 -4.82 -17.40
N ALA C 93 11.70 -5.33 -18.50
CA ALA C 93 11.88 -4.72 -19.84
C ALA C 93 11.42 -3.27 -19.84
N PHE C 94 10.24 -3.05 -19.24
CA PHE C 94 9.67 -1.69 -19.21
C PHE C 94 10.63 -0.69 -18.55
N PHE C 95 11.17 -1.03 -17.40
CA PHE C 95 12.12 -0.16 -16.68
C PHE C 95 13.39 0.01 -17.50
N THR C 96 13.88 -1.11 -18.04
CA THR C 96 15.11 -1.04 -18.86
C THR C 96 14.92 -0.13 -20.06
N GLU C 97 13.77 -0.19 -20.69
CA GLU C 97 13.46 0.64 -21.87
C GLU C 97 13.55 2.11 -21.54
N HIS C 98 13.31 2.48 -20.28
CA HIS C 98 13.35 3.86 -19.83
C HIS C 98 14.63 4.21 -19.11
N ASN C 99 15.63 3.36 -19.24
CA ASN C 99 16.93 3.57 -18.58
C ASN C 99 16.71 3.94 -17.11
N ALA C 100 15.81 3.22 -16.47
CA ALA C 100 15.40 3.49 -15.10
C ALA C 100 15.91 2.52 -14.06
N THR C 101 16.34 3.06 -12.93
CA THR C 101 16.71 2.20 -11.80
C THR C 101 15.38 1.55 -11.38
N PHE C 102 15.40 0.31 -10.99
CA PHE C 102 14.14 -0.34 -10.58
C PHE C 102 13.61 0.23 -9.26
N PRO C 103 12.31 0.43 -9.19
CA PRO C 103 11.75 0.92 -7.92
C PRO C 103 11.80 -0.16 -6.83
N ALA C 104 11.58 0.28 -5.59
CA ALA C 104 11.25 -0.64 -4.49
C ALA C 104 9.86 -1.22 -4.89
N ARG C 105 9.54 -2.41 -4.40
CA ARG C 105 8.30 -3.08 -4.81
C ARG C 105 7.74 -4.03 -3.79
N SER C 106 6.41 -4.12 -3.78
CA SER C 106 5.73 -5.16 -3.01
C SER C 106 4.87 -5.93 -4.05
N VAL C 108 1.95 -9.20 -4.37
CA VAL C 108 1.07 -10.17 -3.70
C VAL C 108 0.04 -10.67 -4.69
N GLU C 109 -0.49 -11.87 -4.43
CA GLU C 109 -1.60 -12.41 -5.20
C GLU C 109 -2.88 -12.11 -4.41
N VAL C 110 -3.80 -11.38 -5.04
CA VAL C 110 -5.08 -11.07 -4.39
C VAL C 110 -6.15 -12.05 -4.87
N ALA C 111 -7.32 -12.01 -4.27
CA ALA C 111 -8.40 -12.91 -4.68
C ALA C 111 -9.05 -12.50 -5.99
N ARG C 112 -9.17 -11.19 -6.25
CA ARG C 112 -9.83 -10.70 -7.46
C ARG C 112 -9.49 -9.23 -7.60
N LEU C 113 -9.53 -8.75 -8.84
CA LEU C 113 -9.25 -7.37 -9.18
C LEU C 113 -10.41 -6.79 -9.95
N PRO C 114 -10.51 -5.47 -9.98
CA PRO C 114 -11.59 -4.80 -10.73
C PRO C 114 -11.57 -5.33 -12.18
N LYS C 115 -12.79 -5.56 -12.68
CA LYS C 115 -13.05 -6.03 -14.04
C LYS C 115 -12.41 -7.38 -14.29
N ASP C 116 -12.08 -8.14 -13.27
CA ASP C 116 -11.45 -9.45 -13.44
C ASP C 116 -10.12 -9.37 -14.18
N VAL C 117 -9.41 -8.26 -14.06
CA VAL C 117 -8.08 -8.16 -14.70
C VAL C 117 -7.10 -9.07 -13.94
N LYS C 118 -5.94 -9.23 -14.53
CA LYS C 118 -4.92 -10.09 -13.95
C LYS C 118 -3.88 -9.32 -13.15
N ILE C 119 -3.89 -8.00 -13.21
CA ILE C 119 -2.86 -7.19 -12.54
C ILE C 119 -3.35 -5.77 -12.30
N GLU C 120 -2.87 -5.18 -11.22
CA GLU C 120 -3.15 -3.77 -10.88
C GLU C 120 -1.84 -3.25 -10.29
N ILE C 121 -1.39 -2.09 -10.74
CA ILE C 121 -0.12 -1.54 -10.27
C ILE C 121 -0.27 -0.08 -9.87
N GLU C 122 0.14 0.20 -8.63
CA GLU C 122 0.15 1.57 -8.13
C GLU C 122 1.61 1.99 -8.00
N ALA C 123 1.86 3.29 -8.11
CA ALA C 123 3.24 3.77 -8.06
C ALA C 123 3.38 5.10 -7.37
N ILE C 124 4.55 5.30 -6.80
CA ILE C 124 4.97 6.53 -6.15
C ILE C 124 6.22 7.00 -6.91
N ALA C 125 6.28 8.25 -7.28
CA ALA C 125 7.43 8.86 -7.96
C ALA C 125 7.82 10.15 -7.23
N VAL C 126 9.08 10.55 -7.37
CA VAL C 126 9.54 11.79 -6.72
C VAL C 126 10.30 12.64 -7.73
N ARG C 127 10.18 13.93 -7.49
CA ARG C 127 10.92 14.89 -8.36
C ARG C 127 12.40 14.97 -8.01
N ARG C 128 12.74 14.84 -6.76
CA ARG C 128 14.12 14.91 -6.27
C ARG C 128 14.60 13.59 -5.65
#